data_1IAH
#
_entry.id   1IAH
#
_cell.length_a   108.961
_cell.length_b   135.458
_cell.length_c   113.204
_cell.angle_alpha   90.00
_cell.angle_beta   90.00
_cell.angle_gamma   90.00
#
_symmetry.space_group_name_H-M   'C 2 2 21'
#
loop_
_entity.id
_entity.type
_entity.pdbx_description
1 polymer 'TRANSIENT RECEPTOR POTENTIAL-RELATED PROTEIN'
2 non-polymer 'ZINC ION'
3 non-polymer "ADENOSINE-5'-DIPHOSPHATE"
4 non-polymer 'MAGNESIUM ION'
5 non-polymer 2,3-DIHYDROXY-1,4-DITHIOBUTANE
6 water water
#
_entity_poly.entity_id   1
_entity_poly.type   'polypeptide(L)'
_entity_poly.pdbx_seq_one_letter_code
;TNYYYSAVERNNLMRLSQSIPFVPVPPRGEPVTVYRLEESSPSILNNSMSSWSQLGLCAKIEFLSKEEMGGGLRRAVKVL
CTWSEHDILKSGHLYIIKSFLPEVINTWSSIYKEDTVLHLCLREIQQQRAAQKLTFAFNQMKPKSIPYSPRFLEVFLLYC
HSAGQWFAVEECMTGEFRKYNNNNGDEIIPTNTLEEIMLAFSHWTYEYTRGELLVLDLQGVGENLTDPSVIKAEEKRSCD
MVFGPANLGEDAIKNFRAKHHCNSCCRKLKLPDLKRNDYT
;
_entity_poly.pdbx_strand_id   A,B
#
# COMPACT_ATOMS: atom_id res chain seq x y z
N TYR A 3 41.40 -3.36 -6.92
CA TYR A 3 41.72 -3.54 -8.37
C TYR A 3 41.29 -2.32 -9.19
N TYR A 4 40.53 -2.57 -10.26
CA TYR A 4 40.04 -1.53 -11.17
C TYR A 4 39.07 -0.53 -10.52
N TYR A 5 39.52 0.71 -10.38
CA TYR A 5 38.71 1.79 -9.78
C TYR A 5 38.44 2.90 -10.80
N SER A 6 37.54 2.63 -11.74
CA SER A 6 37.20 3.56 -12.80
C SER A 6 36.81 4.99 -12.38
N ALA A 7 36.75 5.86 -13.39
CA ALA A 7 36.39 7.26 -13.20
C ALA A 7 34.88 7.34 -12.95
N VAL A 8 34.12 6.47 -13.61
CA VAL A 8 32.68 6.47 -13.42
C VAL A 8 32.39 6.08 -11.98
N GLU A 9 33.07 5.03 -11.51
CA GLU A 9 32.91 4.54 -10.15
C GLU A 9 33.32 5.63 -9.18
N ARG A 10 34.45 6.28 -9.44
CA ARG A 10 34.92 7.35 -8.57
C ARG A 10 33.97 8.53 -8.58
N ASN A 11 33.53 8.92 -9.77
CA ASN A 11 32.62 10.04 -9.91
C ASN A 11 31.32 9.82 -9.13
N ASN A 12 30.75 8.63 -9.28
CA ASN A 12 29.52 8.35 -8.58
C ASN A 12 29.70 8.32 -7.06
N LEU A 13 30.90 7.98 -6.60
CA LEU A 13 31.17 7.97 -5.16
C LEU A 13 31.28 9.39 -4.64
N MET A 14 32.13 10.17 -5.31
CA MET A 14 32.37 11.55 -4.93
C MET A 14 31.11 12.42 -5.03
N ARG A 15 30.24 12.11 -5.99
CA ARG A 15 29.00 12.86 -6.14
C ARG A 15 28.17 12.80 -4.83
N LEU A 16 28.22 11.66 -4.15
CA LEU A 16 27.48 11.49 -2.90
C LEU A 16 28.01 12.37 -1.79
N SER A 17 29.21 12.90 -1.95
CA SER A 17 29.79 13.77 -0.95
C SER A 17 29.28 15.20 -1.09
N GLN A 18 28.66 15.49 -2.23
CA GLN A 18 28.16 16.84 -2.44
C GLN A 18 26.64 16.90 -2.51
N SER A 19 26.12 18.12 -2.67
CA SER A 19 24.69 18.32 -2.74
C SER A 19 24.10 17.77 -4.04
N ILE A 20 23.18 16.82 -3.91
CA ILE A 20 22.51 16.25 -5.06
C ILE A 20 21.14 16.92 -4.96
N PRO A 21 20.59 17.38 -6.09
CA PRO A 21 19.28 18.04 -6.03
C PRO A 21 18.17 17.18 -5.43
N PHE A 22 17.39 17.80 -4.56
CA PHE A 22 16.28 17.10 -3.94
C PHE A 22 15.05 18.00 -3.93
N VAL A 23 13.97 17.50 -4.52
CA VAL A 23 12.71 18.23 -4.58
C VAL A 23 11.59 17.41 -4.00
N PRO A 24 11.24 17.68 -2.74
CA PRO A 24 10.15 16.93 -2.13
C PRO A 24 8.82 17.29 -2.81
N VAL A 25 8.21 16.28 -3.41
CA VAL A 25 6.93 16.49 -4.07
C VAL A 25 5.94 15.69 -3.26
N PRO A 26 4.86 16.34 -2.78
CA PRO A 26 3.89 15.55 -2.00
C PRO A 26 3.39 14.37 -2.81
N PRO A 27 3.01 13.28 -2.12
CA PRO A 27 2.52 12.09 -2.82
C PRO A 27 1.38 12.38 -3.78
N ARG A 28 1.17 11.46 -4.73
CA ARG A 28 0.11 11.60 -5.72
C ARG A 28 -1.11 10.81 -5.23
N GLY A 29 -2.29 11.36 -5.48
CA GLY A 29 -3.50 10.67 -5.07
C GLY A 29 -3.76 10.70 -3.58
N GLU A 30 -4.41 9.67 -3.09
CA GLU A 30 -4.73 9.60 -1.69
C GLU A 30 -4.74 8.17 -1.22
N PRO A 31 -4.38 7.95 0.05
CA PRO A 31 -4.36 6.62 0.65
C PRO A 31 -5.76 6.48 1.26
N VAL A 32 -6.33 5.28 1.22
CA VAL A 32 -7.65 5.08 1.79
C VAL A 32 -7.71 3.73 2.45
N THR A 33 -8.68 3.57 3.34
CA THR A 33 -8.84 2.32 4.06
C THR A 33 -10.01 1.57 3.47
N VAL A 34 -9.80 0.28 3.23
CA VAL A 34 -10.81 -0.55 2.63
C VAL A 34 -11.23 -1.69 3.53
N TYR A 35 -12.52 -1.95 3.54
CA TYR A 35 -13.06 -3.02 4.34
C TYR A 35 -13.84 -3.89 3.38
N ARG A 36 -13.86 -5.18 3.67
CA ARG A 36 -14.56 -6.11 2.81
C ARG A 36 -15.69 -6.83 3.54
N LEU A 37 -16.73 -7.15 2.79
CA LEU A 37 -17.85 -7.90 3.34
C LEU A 37 -17.41 -9.30 2.95
N GLU A 38 -16.95 -10.07 3.92
CA GLU A 38 -16.45 -11.42 3.65
C GLU A 38 -17.53 -12.47 3.56
N GLU A 39 -17.18 -13.63 3.01
CA GLU A 39 -18.09 -14.74 2.84
C GLU A 39 -17.51 -16.02 3.44
N SER A 40 -18.33 -16.74 4.19
CA SER A 40 -17.89 -17.97 4.82
C SER A 40 -17.65 -19.06 3.78
N SER A 41 -18.35 -18.99 2.65
CA SER A 41 -18.19 -20.00 1.61
C SER A 41 -18.27 -19.41 0.20
N PRO A 42 -17.20 -18.73 -0.23
CA PRO A 42 -17.12 -18.11 -1.56
C PRO A 42 -17.49 -19.02 -2.73
N SER A 43 -16.98 -20.24 -2.75
CA SER A 43 -17.28 -21.15 -3.85
C SER A 43 -18.74 -21.55 -3.88
N ILE A 44 -19.47 -21.21 -2.82
CA ILE A 44 -20.90 -21.53 -2.74
C ILE A 44 -21.61 -20.33 -2.12
N LEU A 45 -21.37 -19.18 -2.75
CA LEU A 45 -21.89 -17.89 -2.33
C LEU A 45 -23.35 -17.83 -1.87
N ASN A 46 -24.23 -18.63 -2.47
CA ASN A 46 -25.63 -18.58 -2.07
C ASN A 46 -25.89 -19.27 -0.74
N ASN A 47 -24.97 -20.11 -0.32
CA ASN A 47 -25.10 -20.80 0.97
C ASN A 47 -24.03 -20.31 1.93
N SER A 48 -23.48 -19.13 1.65
CA SER A 48 -22.42 -18.56 2.47
C SER A 48 -22.95 -17.42 3.35
N MET A 49 -22.30 -17.20 4.49
CA MET A 49 -22.71 -16.13 5.39
C MET A 49 -21.84 -14.90 5.19
N SER A 50 -22.49 -13.75 5.07
CA SER A 50 -21.75 -12.51 4.87
C SER A 50 -21.48 -11.82 6.19
N SER A 51 -20.24 -11.44 6.41
CA SER A 51 -19.88 -10.73 7.63
C SER A 51 -18.76 -9.76 7.30
N TRP A 52 -18.83 -8.57 7.89
CA TRP A 52 -17.84 -7.53 7.64
C TRP A 52 -16.46 -7.78 8.24
N SER A 53 -15.43 -7.53 7.45
CA SER A 53 -14.07 -7.68 7.93
C SER A 53 -13.88 -6.56 8.93
N GLN A 54 -12.92 -6.73 9.82
CA GLN A 54 -12.63 -5.77 10.89
C GLN A 54 -11.37 -4.97 10.59
N LEU A 55 -10.36 -5.67 10.09
CA LEU A 55 -9.08 -5.06 9.77
C LEU A 55 -9.13 -4.33 8.44
N GLY A 56 -9.06 -3.01 8.51
CA GLY A 56 -9.07 -2.18 7.31
C GLY A 56 -7.71 -2.19 6.65
N LEU A 57 -7.67 -2.49 5.35
CA LEU A 57 -6.41 -2.51 4.63
C LEU A 57 -6.27 -1.25 3.79
N CYS A 58 -5.05 -0.77 3.64
CA CYS A 58 -4.82 0.44 2.87
C CYS A 58 -4.75 0.17 1.38
N ALA A 59 -5.13 1.18 0.61
CA ALA A 59 -5.10 1.14 -0.84
C ALA A 59 -4.72 2.52 -1.29
N LYS A 60 -3.93 2.59 -2.35
CA LYS A 60 -3.52 3.86 -2.89
C LYS A 60 -4.27 4.09 -4.20
N ILE A 61 -5.01 5.20 -4.26
CA ILE A 61 -5.81 5.52 -5.43
C ILE A 61 -5.48 6.87 -5.97
N GLU A 62 -5.61 7.00 -7.29
CA GLU A 62 -5.36 8.25 -7.96
C GLU A 62 -6.62 8.58 -8.76
N PHE A 63 -7.06 9.82 -8.65
CA PHE A 63 -8.25 10.28 -9.35
C PHE A 63 -8.01 10.51 -10.82
N LEU A 64 -8.95 10.07 -11.63
CA LEU A 64 -8.84 10.22 -13.07
C LEU A 64 -9.88 11.15 -13.65
N SER A 65 -11.15 10.92 -13.33
CA SER A 65 -12.21 11.74 -13.89
C SER A 65 -13.60 11.54 -13.27
N LYS A 66 -14.54 12.37 -13.74
CA LYS A 66 -15.93 12.37 -13.32
C LYS A 66 -16.10 12.77 -11.87
N MET A 69 -19.44 11.43 -12.92
CA MET A 69 -20.58 10.56 -13.25
C MET A 69 -21.74 10.72 -12.26
N GLY A 70 -22.96 10.80 -12.80
CA GLY A 70 -24.12 10.95 -11.94
C GLY A 70 -25.33 10.15 -12.37
N GLY A 71 -26.02 9.56 -11.41
CA GLY A 71 -27.21 8.77 -11.69
C GLY A 71 -28.38 9.34 -10.90
N GLY A 72 -28.91 8.56 -9.95
CA GLY A 72 -30.01 9.02 -9.15
C GLY A 72 -29.64 9.57 -7.78
N LEU A 73 -29.16 8.70 -6.89
CA LEU A 73 -28.79 9.10 -5.52
C LEU A 73 -27.29 9.22 -5.22
N ARG A 74 -26.43 8.93 -6.18
CA ARG A 74 -25.00 8.99 -5.92
C ARG A 74 -24.13 9.76 -6.92
N ARG A 75 -22.96 10.16 -6.44
CA ARG A 75 -21.95 10.84 -7.25
C ARG A 75 -20.85 9.79 -7.37
N ALA A 76 -20.26 9.66 -8.55
CA ALA A 76 -19.22 8.66 -8.78
C ALA A 76 -18.00 9.23 -9.48
N VAL A 77 -16.83 8.76 -9.09
CA VAL A 77 -15.58 9.20 -9.67
C VAL A 77 -14.75 7.97 -10.06
N LYS A 78 -14.04 8.08 -11.16
CA LYS A 78 -13.23 6.96 -11.63
C LYS A 78 -11.82 7.13 -11.09
N VAL A 79 -11.24 6.05 -10.56
CA VAL A 79 -9.89 6.13 -10.02
C VAL A 79 -9.02 4.95 -10.43
N LEU A 80 -7.71 5.11 -10.23
CA LEU A 80 -6.76 4.06 -10.50
C LEU A 80 -6.16 3.63 -9.16
N CYS A 81 -6.04 2.32 -8.97
CA CYS A 81 -5.47 1.77 -7.75
C CYS A 81 -4.04 1.37 -8.12
N THR A 82 -3.08 2.08 -7.56
CA THR A 82 -1.67 1.82 -7.85
C THR A 82 -1.06 0.77 -6.94
N TRP A 83 -1.73 0.50 -5.83
CA TRP A 83 -1.24 -0.45 -4.86
C TRP A 83 -2.20 -0.58 -3.68
N SER A 84 -2.16 -1.73 -3.02
CA SER A 84 -3.01 -1.95 -1.85
C SER A 84 -2.43 -3.07 -0.99
N GLU A 85 -2.66 -3.02 0.31
CA GLU A 85 -2.15 -4.05 1.20
C GLU A 85 -2.76 -5.41 0.89
N HIS A 86 -1.93 -6.44 0.85
CA HIS A 86 -2.39 -7.81 0.60
C HIS A 86 -3.35 -7.87 -0.59
N ASP A 87 -3.17 -6.93 -1.50
CA ASP A 87 -4.01 -6.86 -2.71
C ASP A 87 -5.50 -6.91 -2.41
N ILE A 88 -5.97 -6.14 -1.43
CA ILE A 88 -7.42 -6.15 -1.15
C ILE A 88 -8.11 -5.63 -2.41
N LEU A 89 -7.41 -4.75 -3.13
CA LEU A 89 -7.88 -4.20 -4.40
C LEU A 89 -6.73 -4.54 -5.35
N LYS A 90 -7.02 -4.71 -6.62
CA LYS A 90 -5.97 -5.06 -7.58
C LYS A 90 -5.20 -3.83 -8.05
N SER A 91 -3.88 -3.88 -7.95
CA SER A 91 -3.05 -2.76 -8.38
C SER A 91 -3.08 -2.69 -9.90
N GLY A 92 -3.06 -1.47 -10.44
CA GLY A 92 -3.08 -1.31 -11.88
C GLY A 92 -4.47 -1.50 -12.43
N HIS A 93 -5.48 -1.50 -11.57
CA HIS A 93 -6.86 -1.67 -12.00
C HIS A 93 -7.67 -0.40 -11.77
N LEU A 94 -8.70 -0.21 -12.59
CA LEU A 94 -9.56 0.97 -12.49
C LEU A 94 -10.75 0.67 -11.61
N TYR A 95 -11.14 1.64 -10.78
CA TYR A 95 -12.27 1.49 -9.87
C TYR A 95 -13.16 2.71 -9.90
N ILE A 96 -14.40 2.52 -9.47
CA ILE A 96 -15.36 3.62 -9.40
C ILE A 96 -15.72 3.79 -7.92
N ILE A 97 -15.62 5.01 -7.42
CA ILE A 97 -15.94 5.25 -6.01
C ILE A 97 -17.23 6.04 -5.95
N LYS A 98 -18.18 5.59 -5.13
CA LYS A 98 -19.47 6.26 -5.02
C LYS A 98 -19.80 6.81 -3.62
N SER A 99 -20.48 7.94 -3.60
CA SER A 99 -20.89 8.56 -2.34
C SER A 99 -22.30 9.11 -2.47
N PHE A 100 -23.09 8.97 -1.42
CA PHE A 100 -24.46 9.44 -1.46
C PHE A 100 -24.63 10.94 -1.51
N LEU A 101 -25.68 11.35 -2.21
CA LEU A 101 -26.02 12.76 -2.37
C LEU A 101 -26.53 13.34 -1.05
N PRO A 102 -26.65 14.67 -0.98
CA PRO A 102 -27.13 15.31 0.25
C PRO A 102 -28.55 14.86 0.63
N GLU A 103 -29.48 15.01 -0.30
CA GLU A 103 -30.87 14.62 -0.09
C GLU A 103 -31.00 13.23 0.53
N VAL A 104 -30.29 12.27 -0.05
CA VAL A 104 -30.32 10.89 0.42
C VAL A 104 -29.89 10.73 1.87
N ILE A 105 -28.82 11.41 2.25
CA ILE A 105 -28.33 11.35 3.61
C ILE A 105 -29.34 12.04 4.51
N ASN A 106 -29.93 13.11 3.99
CA ASN A 106 -30.92 13.89 4.72
C ASN A 106 -32.23 13.12 4.90
N THR A 107 -32.45 12.11 4.07
CA THR A 107 -33.66 11.30 4.13
C THR A 107 -33.50 10.14 5.12
N TRP A 108 -32.27 9.71 5.33
CA TRP A 108 -32.02 8.60 6.25
C TRP A 108 -31.42 9.14 7.55
N SER A 109 -31.30 10.46 7.64
CA SER A 109 -30.76 11.13 8.81
C SER A 109 -31.54 10.76 10.07
N SER A 110 -32.82 10.46 9.90
CA SER A 110 -33.71 10.08 10.99
C SER A 110 -33.56 8.59 11.30
N ILE A 111 -33.53 7.78 10.25
CA ILE A 111 -33.39 6.34 10.37
C ILE A 111 -32.06 5.95 11.03
N TYR A 112 -31.03 6.72 10.73
CA TYR A 112 -29.72 6.44 11.30
C TYR A 112 -29.18 7.65 12.03
N LYS A 113 -29.29 7.59 13.35
CA LYS A 113 -28.83 8.65 14.24
C LYS A 113 -27.42 9.15 13.91
N GLU A 114 -26.42 8.31 14.17
CA GLU A 114 -25.03 8.66 13.90
C GLU A 114 -24.48 7.76 12.80
N ASP A 115 -23.49 8.26 12.07
CA ASP A 115 -22.88 7.49 10.98
C ASP A 115 -23.93 7.11 9.94
N THR A 116 -24.65 8.12 9.46
CA THR A 116 -25.69 7.93 8.46
C THR A 116 -25.08 7.40 7.17
N VAL A 117 -24.08 8.12 6.67
CA VAL A 117 -23.41 7.74 5.44
C VAL A 117 -22.81 6.34 5.57
N LEU A 118 -22.18 6.05 6.69
CA LEU A 118 -21.58 4.74 6.90
C LEU A 118 -22.62 3.64 6.76
N HIS A 119 -23.77 3.84 7.40
CA HIS A 119 -24.82 2.84 7.32
C HIS A 119 -25.39 2.72 5.94
N LEU A 120 -25.57 3.85 5.27
CA LEU A 120 -26.09 3.85 3.91
C LEU A 120 -25.16 3.01 3.04
N CYS A 121 -23.86 3.23 3.21
CA CYS A 121 -22.87 2.47 2.45
C CYS A 121 -22.95 1.00 2.76
N LEU A 122 -22.97 0.67 4.05
CA LEU A 122 -23.04 -0.73 4.46
C LEU A 122 -24.24 -1.42 3.84
N ARG A 123 -25.39 -0.74 3.87
CA ARG A 123 -26.63 -1.30 3.31
C ARG A 123 -26.58 -1.42 1.80
N GLU A 124 -26.00 -0.44 1.14
CA GLU A 124 -25.88 -0.47 -0.31
C GLU A 124 -25.05 -1.68 -0.73
N ILE A 125 -23.90 -1.85 -0.08
CA ILE A 125 -23.03 -2.97 -0.37
C ILE A 125 -23.71 -4.30 -0.07
N GLN A 126 -24.44 -4.35 1.05
CA GLN A 126 -25.14 -5.57 1.41
C GLN A 126 -26.22 -5.87 0.39
N GLN A 127 -26.83 -4.84 -0.16
CA GLN A 127 -27.87 -5.04 -1.16
C GLN A 127 -27.27 -5.70 -2.42
N GLN A 128 -26.14 -5.17 -2.90
CA GLN A 128 -25.52 -5.74 -4.09
C GLN A 128 -25.08 -7.18 -3.84
N ARG A 129 -24.64 -7.46 -2.61
CA ARG A 129 -24.24 -8.82 -2.29
C ARG A 129 -25.44 -9.75 -2.37
N ALA A 130 -26.60 -9.27 -1.92
CA ALA A 130 -27.81 -10.10 -1.98
C ALA A 130 -28.09 -10.46 -3.43
N ALA A 131 -28.06 -9.46 -4.31
CA ALA A 131 -28.29 -9.70 -5.74
C ALA A 131 -27.26 -10.73 -6.21
N GLN A 132 -26.02 -10.55 -5.79
CA GLN A 132 -24.94 -11.46 -6.18
C GLN A 132 -25.24 -12.91 -5.81
N LYS A 133 -25.74 -13.09 -4.59
CA LYS A 133 -26.08 -14.44 -4.14
C LYS A 133 -27.19 -15.02 -5.01
N LEU A 134 -28.08 -14.17 -5.50
CA LEU A 134 -29.16 -14.63 -6.36
C LEU A 134 -28.63 -14.97 -7.77
N THR A 135 -27.74 -14.15 -8.33
CA THR A 135 -27.21 -14.48 -9.65
C THR A 135 -26.44 -15.79 -9.52
N PHE A 136 -25.75 -15.99 -8.39
CA PHE A 136 -25.01 -17.22 -8.17
C PHE A 136 -25.94 -18.42 -8.18
N ALA A 137 -27.05 -18.32 -7.46
CA ALA A 137 -28.01 -19.41 -7.41
C ALA A 137 -28.54 -19.65 -8.82
N PHE A 138 -28.85 -18.56 -9.51
CA PHE A 138 -29.38 -18.62 -10.86
C PHE A 138 -28.47 -19.41 -11.80
N ASN A 139 -27.20 -19.08 -11.80
CA ASN A 139 -26.27 -19.77 -12.69
C ASN A 139 -26.13 -21.25 -12.32
N GLN A 140 -26.43 -21.60 -11.07
CA GLN A 140 -26.32 -22.99 -10.67
C GLN A 140 -27.50 -23.82 -11.16
N MET A 141 -28.69 -23.22 -11.15
CA MET A 141 -29.91 -23.94 -11.54
C MET A 141 -30.40 -23.79 -12.96
N LYS A 142 -30.05 -22.68 -13.60
CA LYS A 142 -30.52 -22.44 -14.96
C LYS A 142 -30.16 -23.57 -15.91
N PRO A 143 -31.04 -23.85 -16.88
CA PRO A 143 -30.77 -24.93 -17.84
C PRO A 143 -29.51 -24.66 -18.64
N LYS A 144 -28.94 -25.71 -19.19
CA LYS A 144 -27.73 -25.58 -20.00
C LYS A 144 -28.02 -24.83 -21.29
N SER A 145 -29.30 -24.76 -21.66
CA SER A 145 -29.73 -24.07 -22.88
C SER A 145 -29.55 -22.55 -22.77
N ILE A 146 -29.37 -22.07 -21.54
CA ILE A 146 -29.18 -20.65 -21.29
C ILE A 146 -27.68 -20.43 -21.16
N PRO A 147 -27.06 -19.83 -22.19
CA PRO A 147 -25.61 -19.55 -22.24
C PRO A 147 -25.04 -18.61 -21.19
N TYR A 148 -25.26 -17.32 -21.39
CA TYR A 148 -24.77 -16.26 -20.52
C TYR A 148 -25.02 -16.48 -19.03
N SER A 149 -24.38 -15.66 -18.21
CA SER A 149 -24.50 -15.76 -16.77
C SER A 149 -24.39 -14.40 -16.11
N PRO A 150 -25.53 -13.85 -15.66
CA PRO A 150 -25.53 -12.53 -15.01
C PRO A 150 -24.59 -12.58 -13.82
N ARG A 151 -24.02 -11.44 -13.47
CA ARG A 151 -23.09 -11.38 -12.37
C ARG A 151 -23.03 -9.97 -11.83
N PHE A 152 -23.02 -9.81 -10.51
CA PHE A 152 -22.92 -8.48 -9.93
C PHE A 152 -21.51 -8.29 -9.43
N LEU A 153 -20.99 -7.09 -9.64
CA LEU A 153 -19.66 -6.76 -9.19
C LEU A 153 -19.65 -6.78 -7.66
N GLU A 154 -18.48 -7.03 -7.08
CA GLU A 154 -18.35 -7.02 -5.64
C GLU A 154 -18.09 -5.57 -5.27
N VAL A 155 -18.66 -5.12 -4.18
CA VAL A 155 -18.43 -3.75 -3.77
C VAL A 155 -17.70 -3.76 -2.44
N PHE A 156 -16.75 -2.85 -2.26
CA PHE A 156 -16.00 -2.76 -1.01
C PHE A 156 -16.31 -1.44 -0.32
N LEU A 157 -16.16 -1.43 1.00
CA LEU A 157 -16.41 -0.24 1.81
C LEU A 157 -15.09 0.52 1.85
N LEU A 158 -15.16 1.84 1.74
CA LEU A 158 -13.97 2.64 1.73
C LEU A 158 -14.03 3.86 2.64
N TYR A 159 -12.96 4.08 3.41
CA TYR A 159 -12.88 5.27 4.25
C TYR A 159 -11.74 6.15 3.76
N CYS A 160 -12.03 7.43 3.54
CA CYS A 160 -11.02 8.37 3.06
C CYS A 160 -10.89 9.49 4.07
N HIS A 161 -9.69 9.67 4.62
CA HIS A 161 -9.47 10.74 5.59
C HIS A 161 -9.40 12.08 4.85
N SER A 162 -8.74 12.08 3.69
CA SER A 162 -8.63 13.28 2.88
C SER A 162 -9.99 13.93 2.87
N ALA A 163 -10.99 13.16 2.46
CA ALA A 163 -12.35 13.64 2.39
C ALA A 163 -13.06 13.55 3.72
N GLY A 164 -12.57 12.69 4.60
CA GLY A 164 -13.19 12.51 5.90
C GLY A 164 -14.61 11.99 5.75
N GLN A 165 -14.79 10.95 4.94
CA GLN A 165 -16.11 10.36 4.69
C GLN A 165 -16.04 8.91 4.19
N TRP A 166 -17.17 8.22 4.21
CA TRP A 166 -17.24 6.83 3.77
C TRP A 166 -17.81 6.72 2.36
N PHE A 167 -17.32 5.73 1.61
CA PHE A 167 -17.76 5.50 0.23
C PHE A 167 -17.82 4.03 -0.11
N ALA A 168 -18.33 3.74 -1.30
CA ALA A 168 -18.40 2.37 -1.79
C ALA A 168 -17.49 2.32 -3.01
N VAL A 169 -16.76 1.23 -3.20
CA VAL A 169 -15.87 1.15 -4.34
C VAL A 169 -16.02 -0.19 -5.03
N GLU A 170 -15.90 -0.16 -6.35
CA GLU A 170 -16.04 -1.37 -7.16
C GLU A 170 -15.23 -1.16 -8.43
N GLU A 171 -14.95 -2.26 -9.10
CA GLU A 171 -14.19 -2.20 -10.34
C GLU A 171 -14.93 -1.45 -11.40
N CYS A 172 -14.19 -0.72 -12.21
CA CYS A 172 -14.77 0.04 -13.30
C CYS A 172 -14.89 -0.88 -14.50
N MET A 173 -16.08 -0.93 -15.09
CA MET A 173 -16.29 -1.78 -16.26
C MET A 173 -16.03 -0.96 -17.51
N THR A 174 -15.61 -1.62 -18.57
CA THR A 174 -15.36 -0.91 -19.81
C THR A 174 -16.38 -1.38 -20.83
N GLY A 175 -16.96 -0.43 -21.56
CA GLY A 175 -17.96 -0.80 -22.55
C GLY A 175 -19.19 0.07 -22.40
N GLU A 176 -20.21 -0.19 -23.20
CA GLU A 176 -21.41 0.61 -23.12
C GLU A 176 -22.26 0.18 -21.93
N PHE A 177 -22.40 1.09 -20.97
CA PHE A 177 -23.18 0.81 -19.79
C PHE A 177 -24.65 1.02 -20.13
N ARG A 178 -25.48 0.01 -19.86
CA ARG A 178 -26.91 0.13 -20.14
C ARG A 178 -27.82 -0.46 -19.08
N LYS A 179 -29.02 0.11 -18.99
CA LYS A 179 -30.02 -0.29 -18.01
C LYS A 179 -31.03 -1.21 -18.70
N TYR A 180 -31.17 -2.43 -18.20
CA TYR A 180 -32.11 -3.39 -18.80
C TYR A 180 -33.55 -3.21 -18.32
N ASN A 181 -33.71 -2.77 -17.06
CA ASN A 181 -35.02 -2.51 -16.50
C ASN A 181 -34.81 -1.53 -15.35
N ASN A 182 -35.88 -1.01 -14.77
CA ASN A 182 -35.71 -0.05 -13.68
C ASN A 182 -36.65 -0.29 -12.50
N ASN A 183 -36.66 0.63 -11.55
CA ASN A 183 -37.47 0.51 -10.35
C ASN A 183 -38.98 0.62 -10.53
N ASN A 184 -39.44 1.02 -11.71
CA ASN A 184 -40.87 1.15 -11.93
C ASN A 184 -41.42 0.03 -12.80
N GLY A 185 -40.54 -0.88 -13.20
CA GLY A 185 -40.98 -2.00 -14.02
C GLY A 185 -40.78 -1.87 -15.52
N ASP A 186 -40.29 -0.73 -15.99
CA ASP A 186 -40.07 -0.58 -17.42
C ASP A 186 -38.97 -1.53 -17.85
N GLU A 187 -39.06 -2.05 -19.06
CA GLU A 187 -38.05 -2.94 -19.58
C GLU A 187 -37.71 -2.55 -21.00
N ILE A 188 -36.50 -2.85 -21.43
CA ILE A 188 -36.14 -2.55 -22.80
C ILE A 188 -36.74 -3.70 -23.57
N ILE A 189 -36.75 -3.56 -24.89
CA ILE A 189 -37.25 -4.62 -25.74
C ILE A 189 -35.98 -5.38 -26.12
N PRO A 190 -35.84 -6.61 -25.60
CA PRO A 190 -34.66 -7.42 -25.88
C PRO A 190 -34.31 -7.54 -27.36
N THR A 191 -33.12 -7.07 -27.72
CA THR A 191 -32.69 -7.13 -29.12
C THR A 191 -31.71 -8.28 -29.32
N ASN A 192 -31.39 -9.00 -28.25
CA ASN A 192 -30.47 -10.15 -28.32
C ASN A 192 -30.70 -11.11 -27.16
N THR A 193 -30.05 -12.28 -27.22
CA THR A 193 -30.19 -13.29 -26.19
C THR A 193 -29.81 -12.83 -24.79
N LEU A 194 -28.69 -12.12 -24.69
CA LEU A 194 -28.22 -11.63 -23.41
C LEU A 194 -29.25 -10.75 -22.69
N GLU A 195 -29.84 -9.84 -23.43
CA GLU A 195 -30.85 -8.94 -22.86
C GLU A 195 -32.07 -9.71 -22.38
N GLU A 196 -32.42 -10.75 -23.12
CA GLU A 196 -33.55 -11.59 -22.76
C GLU A 196 -33.22 -12.24 -21.41
N ILE A 197 -32.07 -12.88 -21.34
CA ILE A 197 -31.63 -13.54 -20.12
C ILE A 197 -31.68 -12.58 -18.94
N MET A 198 -31.26 -11.34 -19.17
CA MET A 198 -31.29 -10.35 -18.09
C MET A 198 -32.73 -10.10 -17.66
N LEU A 199 -33.61 -9.89 -18.63
CA LEU A 199 -35.00 -9.64 -18.31
C LEU A 199 -35.62 -10.83 -17.60
N ALA A 200 -35.24 -12.03 -18.02
CA ALA A 200 -35.76 -13.25 -17.41
C ALA A 200 -35.26 -13.36 -15.98
N PHE A 201 -34.07 -12.85 -15.71
CA PHE A 201 -33.52 -12.94 -14.37
C PHE A 201 -34.37 -12.30 -13.29
N SER A 202 -34.87 -11.10 -13.56
CA SER A 202 -35.69 -10.39 -12.58
C SER A 202 -36.95 -11.19 -12.32
N HIS A 203 -37.45 -11.84 -13.35
CA HIS A 203 -38.66 -12.63 -13.22
C HIS A 203 -38.31 -13.82 -12.33
N TRP A 204 -37.20 -14.46 -12.67
CA TRP A 204 -36.73 -15.62 -11.92
C TRP A 204 -36.53 -15.35 -10.43
N THR A 205 -35.95 -14.22 -10.07
CA THR A 205 -35.75 -13.93 -8.66
C THR A 205 -37.05 -13.96 -7.88
N TYR A 206 -38.10 -13.41 -8.48
CA TYR A 206 -39.41 -13.35 -7.86
C TYR A 206 -39.95 -14.76 -7.59
N GLU A 207 -39.97 -15.58 -8.63
CA GLU A 207 -40.46 -16.95 -8.51
C GLU A 207 -39.59 -17.76 -7.56
N TYR A 208 -38.28 -17.65 -7.73
CA TYR A 208 -37.34 -18.39 -6.91
C TYR A 208 -37.50 -18.09 -5.41
N THR A 209 -37.81 -16.84 -5.05
CA THR A 209 -37.99 -16.52 -3.65
C THR A 209 -39.46 -16.59 -3.21
N ARG A 210 -40.25 -17.36 -3.97
CA ARG A 210 -41.67 -17.54 -3.66
C ARG A 210 -42.42 -16.21 -3.56
N GLY A 211 -42.08 -15.28 -4.45
CA GLY A 211 -42.74 -13.99 -4.47
C GLY A 211 -42.32 -13.07 -3.34
N GLU A 212 -41.29 -13.48 -2.61
CA GLU A 212 -40.80 -12.71 -1.48
C GLU A 212 -39.82 -11.59 -1.87
N LEU A 213 -39.03 -11.81 -2.91
CA LEU A 213 -38.05 -10.80 -3.33
C LEU A 213 -38.06 -10.59 -4.85
N LEU A 214 -37.71 -9.38 -5.26
CA LEU A 214 -37.60 -9.03 -6.68
C LEU A 214 -36.40 -8.12 -6.89
N VAL A 215 -35.57 -8.44 -7.87
CA VAL A 215 -34.41 -7.61 -8.19
C VAL A 215 -34.68 -6.80 -9.45
N LEU A 216 -34.71 -5.47 -9.30
CA LEU A 216 -34.94 -4.60 -10.43
C LEU A 216 -33.74 -3.68 -10.62
N ASP A 217 -33.80 -2.80 -11.61
CA ASP A 217 -32.71 -1.87 -11.88
C ASP A 217 -31.48 -2.64 -12.34
N LEU A 218 -31.68 -3.62 -13.22
CA LEU A 218 -30.58 -4.40 -13.74
C LEU A 218 -29.83 -3.48 -14.71
N GLN A 219 -28.55 -3.27 -14.46
CA GLN A 219 -27.76 -2.38 -15.31
C GLN A 219 -26.27 -2.69 -15.25
N GLY A 220 -25.58 -2.47 -16.37
CA GLY A 220 -24.16 -2.70 -16.43
C GLY A 220 -23.61 -2.78 -17.84
N VAL A 221 -22.65 -3.66 -18.06
CA VAL A 221 -22.07 -3.84 -19.36
C VAL A 221 -22.03 -5.33 -19.61
N GLY A 222 -22.68 -5.77 -20.68
CA GLY A 222 -22.69 -7.20 -20.95
C GLY A 222 -23.40 -7.94 -19.84
N GLU A 223 -22.80 -9.00 -19.32
CA GLU A 223 -23.44 -9.74 -18.25
C GLU A 223 -22.99 -9.28 -16.87
N ASN A 224 -22.17 -8.24 -16.82
CA ASN A 224 -21.69 -7.73 -15.54
C ASN A 224 -22.55 -6.57 -15.09
N LEU A 225 -23.22 -6.76 -13.95
CA LEU A 225 -24.14 -5.77 -13.42
C LEU A 225 -23.72 -5.09 -12.14
N THR A 226 -24.40 -4.00 -11.80
CA THR A 226 -24.11 -3.26 -10.59
C THR A 226 -25.28 -2.34 -10.26
N ASP A 227 -25.32 -1.79 -9.05
CA ASP A 227 -26.39 -0.88 -8.59
C ASP A 227 -27.80 -1.45 -8.71
N PRO A 228 -28.03 -2.68 -8.23
CA PRO A 228 -29.38 -3.19 -8.36
C PRO A 228 -30.30 -2.69 -7.24
N SER A 229 -31.58 -3.02 -7.35
CA SER A 229 -32.56 -2.68 -6.32
C SER A 229 -33.16 -4.01 -5.88
N VAL A 230 -32.96 -4.37 -4.62
CA VAL A 230 -33.51 -5.63 -4.14
C VAL A 230 -34.74 -5.27 -3.31
N ILE A 231 -35.89 -5.64 -3.84
CA ILE A 231 -37.17 -5.31 -3.22
C ILE A 231 -37.82 -6.43 -2.43
N LYS A 232 -38.19 -6.13 -1.18
CA LYS A 232 -38.91 -7.09 -0.35
C LYS A 232 -40.33 -6.86 -0.87
N ALA A 233 -40.70 -7.66 -1.86
CA ALA A 233 -41.99 -7.55 -2.54
C ALA A 233 -43.26 -7.61 -1.69
N GLU A 234 -43.16 -8.05 -0.44
CA GLU A 234 -44.36 -8.13 0.36
C GLU A 234 -44.53 -6.97 1.34
N GLU A 235 -43.55 -6.09 1.41
CA GLU A 235 -43.66 -4.95 2.30
C GLU A 235 -44.67 -3.97 1.69
N LYS A 236 -45.55 -3.43 2.52
CA LYS A 236 -46.59 -2.51 2.09
C LYS A 236 -46.17 -1.04 2.29
N ARG A 237 -44.91 -0.85 2.66
CA ARG A 237 -44.36 0.48 2.90
C ARG A 237 -42.96 0.59 2.29
N SER A 238 -42.78 1.57 1.41
CA SER A 238 -41.49 1.79 0.75
C SER A 238 -40.33 1.82 1.75
N CYS A 239 -40.51 2.57 2.83
CA CYS A 239 -39.49 2.70 3.87
C CYS A 239 -38.85 1.39 4.30
N ASP A 240 -39.61 0.29 4.19
CA ASP A 240 -39.10 -1.02 4.57
C ASP A 240 -39.17 -1.99 3.39
N MET A 241 -39.22 -1.45 2.18
CA MET A 241 -39.34 -2.25 0.97
C MET A 241 -38.02 -2.63 0.29
N VAL A 242 -37.04 -1.75 0.37
CA VAL A 242 -35.76 -2.01 -0.29
C VAL A 242 -34.62 -2.25 0.67
N PHE A 243 -33.72 -3.15 0.29
CA PHE A 243 -32.56 -3.50 1.09
C PHE A 243 -31.70 -2.30 1.38
N GLY A 244 -31.15 -1.69 0.33
CA GLY A 244 -30.31 -0.53 0.53
C GLY A 244 -30.99 0.70 -0.02
N PRO A 245 -30.35 1.87 0.07
CA PRO A 245 -30.97 3.10 -0.46
C PRO A 245 -31.36 2.93 -1.93
N ALA A 246 -32.63 3.18 -2.23
CA ALA A 246 -33.13 3.06 -3.60
C ALA A 246 -34.42 3.85 -3.80
N ASN A 247 -34.60 4.36 -5.02
CA ASN A 247 -35.76 5.14 -5.42
C ASN A 247 -36.87 4.20 -5.92
N LEU A 248 -37.80 3.87 -5.03
CA LEU A 248 -38.88 2.96 -5.35
C LEU A 248 -40.29 3.53 -5.23
N GLY A 249 -41.18 3.00 -6.06
CA GLY A 249 -42.57 3.40 -6.02
C GLY A 249 -43.29 2.22 -5.40
N GLU A 250 -44.29 2.47 -4.57
CA GLU A 250 -45.03 1.37 -3.93
C GLU A 250 -45.75 0.49 -4.96
N ASP A 251 -45.89 1.03 -6.17
CA ASP A 251 -46.54 0.35 -7.27
C ASP A 251 -45.57 -0.64 -7.95
N ALA A 252 -44.29 -0.52 -7.60
CA ALA A 252 -43.20 -1.34 -8.16
C ALA A 252 -43.52 -2.79 -8.49
N ILE A 253 -43.90 -3.55 -7.47
CA ILE A 253 -44.22 -4.97 -7.65
C ILE A 253 -45.40 -5.16 -8.60
N LYS A 254 -46.50 -4.50 -8.29
CA LYS A 254 -47.70 -4.59 -9.11
C LYS A 254 -47.37 -4.16 -10.53
N ASN A 255 -46.60 -3.10 -10.65
CA ASN A 255 -46.23 -2.59 -11.95
C ASN A 255 -45.36 -3.58 -12.69
N PHE A 256 -44.43 -4.21 -11.98
CA PHE A 256 -43.58 -5.17 -12.65
C PHE A 256 -44.39 -6.35 -13.16
N ARG A 257 -45.32 -6.83 -12.35
CA ARG A 257 -46.13 -7.98 -12.74
C ARG A 257 -47.01 -7.65 -13.94
N ALA A 258 -47.46 -6.41 -14.01
CA ALA A 258 -48.31 -5.98 -15.11
C ALA A 258 -47.51 -5.73 -16.38
N LYS A 259 -46.40 -5.01 -16.26
CA LYS A 259 -45.58 -4.65 -17.40
C LYS A 259 -44.63 -5.69 -17.96
N HIS A 260 -44.02 -6.50 -17.11
CA HIS A 260 -43.08 -7.52 -17.58
C HIS A 260 -43.63 -8.33 -18.76
N HIS A 261 -42.76 -8.68 -19.69
CA HIS A 261 -43.13 -9.46 -20.86
C HIS A 261 -42.21 -10.69 -20.92
N CYS A 262 -42.77 -11.87 -20.67
CA CYS A 262 -41.96 -13.08 -20.71
C CYS A 262 -41.43 -13.38 -22.10
N ASN A 263 -40.19 -13.84 -22.17
CA ASN A 263 -39.54 -14.16 -23.44
C ASN A 263 -39.12 -15.62 -23.52
N SER A 264 -38.40 -15.97 -24.58
CA SER A 264 -37.95 -17.34 -24.76
C SER A 264 -37.11 -17.84 -23.60
N CYS A 265 -36.49 -16.92 -22.87
CA CYS A 265 -35.68 -17.32 -21.74
C CYS A 265 -36.58 -17.67 -20.56
N CYS A 266 -37.58 -16.82 -20.33
CA CYS A 266 -38.55 -17.06 -19.26
C CYS A 266 -39.15 -18.43 -19.45
N ARG A 267 -39.48 -18.74 -20.70
CA ARG A 267 -40.07 -20.01 -21.05
C ARG A 267 -39.06 -21.13 -20.87
N LYS A 268 -37.83 -20.90 -21.28
CA LYS A 268 -36.80 -21.92 -21.12
C LYS A 268 -36.66 -22.21 -19.62
N LEU A 269 -36.82 -21.18 -18.80
CA LEU A 269 -36.73 -21.32 -17.35
C LEU A 269 -38.01 -21.86 -16.73
N LYS A 270 -39.00 -22.12 -17.58
CA LYS A 270 -40.27 -22.64 -17.11
C LYS A 270 -40.90 -21.75 -16.05
N LEU A 271 -40.77 -20.43 -16.21
CA LEU A 271 -41.35 -19.48 -15.26
C LEU A 271 -42.84 -19.23 -15.52
N PRO A 272 -43.66 -19.21 -14.46
CA PRO A 272 -45.10 -18.98 -14.58
C PRO A 272 -45.39 -17.52 -14.89
N ASP A 273 -46.58 -17.25 -15.40
CA ASP A 273 -46.97 -15.88 -15.71
C ASP A 273 -47.10 -15.06 -14.43
N LEU A 274 -46.49 -13.89 -14.40
CA LEU A 274 -46.54 -13.02 -13.23
C LEU A 274 -47.93 -12.46 -12.96
N LYS A 275 -48.79 -12.55 -13.95
CA LYS A 275 -50.13 -12.02 -13.84
C LYS A 275 -51.11 -12.97 -13.17
N ARG A 276 -50.76 -14.26 -13.13
CA ARG A 276 -51.61 -15.28 -12.53
C ARG A 276 -52.08 -14.90 -11.12
N ASN A 277 -53.03 -15.69 -10.62
CA ASN A 277 -53.61 -15.50 -9.29
C ASN A 277 -52.67 -16.13 -8.27
N ASP A 278 -52.29 -15.37 -7.23
CA ASP A 278 -51.37 -15.85 -6.21
C ASP A 278 -51.86 -16.93 -5.25
N TYR A 279 -53.17 -17.17 -5.21
CA TYR A 279 -53.71 -18.18 -4.31
C TYR A 279 -54.27 -19.40 -5.04
N THR A 280 -54.03 -19.44 -6.36
CA THR A 280 -54.51 -20.53 -7.22
C THR A 280 -53.50 -21.67 -7.32
N THR B 1 -44.06 -26.76 -9.64
CA THR B 1 -43.86 -25.76 -10.73
C THR B 1 -42.59 -24.92 -10.54
N ASN B 2 -41.68 -25.38 -9.67
CA ASN B 2 -40.45 -24.64 -9.43
C ASN B 2 -39.49 -25.36 -8.48
N TYR B 3 -38.42 -24.67 -8.12
CA TYR B 3 -37.40 -25.24 -7.24
C TYR B 3 -36.78 -24.20 -6.30
N TYR B 4 -37.61 -23.27 -5.84
CA TYR B 4 -37.20 -22.18 -4.93
C TYR B 4 -36.09 -22.49 -3.91
N TYR B 5 -35.64 -21.45 -3.19
CA TYR B 5 -34.56 -21.62 -2.23
C TYR B 5 -34.85 -22.32 -0.90
N SER B 6 -33.77 -22.65 -0.19
CA SER B 6 -33.86 -23.32 1.09
C SER B 6 -33.81 -22.31 2.23
N ALA B 7 -33.89 -22.82 3.44
CA ALA B 7 -33.85 -22.00 4.64
C ALA B 7 -32.52 -21.28 4.76
N VAL B 8 -31.43 -22.04 4.62
CA VAL B 8 -30.09 -21.45 4.73
C VAL B 8 -29.93 -20.36 3.68
N GLU B 9 -30.37 -20.66 2.45
CA GLU B 9 -30.28 -19.70 1.37
C GLU B 9 -31.12 -18.47 1.67
N ARG B 10 -32.34 -18.66 2.17
CA ARG B 10 -33.21 -17.53 2.50
C ARG B 10 -32.62 -16.69 3.64
N ASN B 11 -32.12 -17.36 4.67
CA ASN B 11 -31.52 -16.66 5.83
C ASN B 11 -30.38 -15.76 5.41
N ASN B 12 -29.52 -16.29 4.55
CA ASN B 12 -28.37 -15.53 4.10
C ASN B 12 -28.73 -14.31 3.27
N LEU B 13 -29.82 -14.37 2.52
CA LEU B 13 -30.25 -13.20 1.75
C LEU B 13 -30.92 -12.17 2.66
N MET B 14 -31.93 -12.62 3.41
CA MET B 14 -32.66 -11.71 4.29
C MET B 14 -31.78 -11.00 5.30
N ARG B 15 -30.75 -11.68 5.78
CA ARG B 15 -29.84 -11.10 6.74
C ARG B 15 -29.14 -9.87 6.19
N LEU B 16 -28.97 -9.81 4.87
CA LEU B 16 -28.30 -8.67 4.23
C LEU B 16 -29.18 -7.43 4.18
N SER B 17 -30.46 -7.60 4.46
CA SER B 17 -31.39 -6.48 4.44
C SER B 17 -31.40 -5.82 5.80
N GLN B 18 -30.68 -6.42 6.74
CA GLN B 18 -30.61 -5.90 8.10
C GLN B 18 -29.24 -5.37 8.45
N SER B 19 -29.15 -4.67 9.57
CA SER B 19 -27.89 -4.11 10.05
C SER B 19 -26.98 -5.22 10.54
N ILE B 20 -25.90 -5.45 9.81
CA ILE B 20 -24.93 -6.48 10.16
C ILE B 20 -23.81 -5.80 10.93
N PRO B 21 -23.28 -6.45 11.97
CA PRO B 21 -22.21 -5.88 12.78
C PRO B 21 -20.93 -5.50 12.02
N PHE B 22 -20.49 -4.27 12.23
CA PHE B 22 -19.27 -3.80 11.61
C PHE B 22 -18.48 -3.05 12.67
N VAL B 23 -17.42 -3.70 13.15
CA VAL B 23 -16.57 -3.13 14.19
C VAL B 23 -15.17 -2.83 13.65
N PRO B 24 -14.99 -1.65 13.04
CA PRO B 24 -13.69 -1.27 12.50
C PRO B 24 -12.60 -1.21 13.57
N VAL B 25 -11.60 -2.08 13.47
CA VAL B 25 -10.51 -2.08 14.43
C VAL B 25 -9.85 -0.72 14.35
N PRO B 26 -9.81 0.00 15.49
CA PRO B 26 -9.22 1.33 15.61
C PRO B 26 -7.94 1.57 14.79
N PRO B 27 -7.78 2.79 14.25
CA PRO B 27 -6.61 3.17 13.43
C PRO B 27 -5.35 3.58 14.21
N ARG B 28 -4.31 2.75 14.14
CA ARG B 28 -3.06 3.07 14.79
C ARG B 28 -2.00 3.22 13.72
N GLY B 29 -1.13 4.21 13.91
CA GLY B 29 -0.06 4.46 12.96
C GLY B 29 0.04 5.94 12.68
N GLU B 30 1.22 6.37 12.27
CA GLU B 30 1.47 7.76 11.95
C GLU B 30 1.75 7.84 10.45
N PRO B 31 1.04 8.71 9.73
CA PRO B 31 1.22 8.86 8.29
C PRO B 31 2.51 9.62 7.98
N VAL B 32 3.30 9.10 7.05
CA VAL B 32 4.56 9.76 6.67
C VAL B 32 4.83 9.62 5.18
N THR B 33 5.64 10.52 4.67
CA THR B 33 6.02 10.50 3.26
C THR B 33 7.44 9.95 3.16
N VAL B 34 7.61 8.88 2.41
CA VAL B 34 8.91 8.26 2.22
C VAL B 34 9.58 8.65 0.91
N TYR B 35 10.84 9.09 0.99
CA TYR B 35 11.62 9.46 -0.19
C TYR B 35 12.83 8.55 -0.24
N ARG B 36 13.13 8.05 -1.44
CA ARG B 36 14.23 7.14 -1.67
C ARG B 36 15.36 7.75 -2.52
N LEU B 37 16.60 7.33 -2.27
CA LEU B 37 17.74 7.80 -3.07
C LEU B 37 17.80 6.67 -4.07
N GLU B 38 17.41 6.97 -5.30
CA GLU B 38 17.37 5.96 -6.35
C GLU B 38 18.71 5.72 -7.04
N GLU B 39 18.75 4.65 -7.83
CA GLU B 39 19.95 4.27 -8.55
C GLU B 39 19.64 4.02 -10.03
N SER B 40 20.55 4.44 -10.91
CA SER B 40 20.38 4.26 -12.35
C SER B 40 20.54 2.78 -12.73
N SER B 41 21.46 2.11 -12.04
CA SER B 41 21.70 0.68 -12.29
C SER B 41 21.89 -0.05 -10.96
N PRO B 42 20.77 -0.32 -10.26
CA PRO B 42 20.77 -1.01 -8.97
C PRO B 42 21.54 -2.32 -9.03
N SER B 43 21.55 -2.96 -10.20
CA SER B 43 22.24 -4.23 -10.38
C SER B 43 23.76 -4.08 -10.32
N ILE B 44 24.26 -2.95 -10.81
CA ILE B 44 25.69 -2.65 -10.78
C ILE B 44 25.80 -1.35 -9.98
N LEU B 45 25.52 -1.47 -8.69
CA LEU B 45 25.52 -0.33 -7.78
C LEU B 45 26.79 0.53 -7.85
N ASN B 46 27.96 -0.09 -7.92
CA ASN B 46 29.20 0.67 -7.98
C ASN B 46 29.38 1.45 -9.28
N ASN B 47 28.55 1.16 -10.27
CA ASN B 47 28.60 1.84 -11.56
C ASN B 47 27.30 2.57 -11.80
N SER B 48 26.58 2.86 -10.73
CA SER B 48 25.29 3.50 -10.82
C SER B 48 25.27 4.94 -10.35
N MET B 49 24.39 5.72 -10.95
CA MET B 49 24.25 7.11 -10.54
C MET B 49 23.08 7.27 -9.56
N SER B 50 23.33 8.00 -8.48
CA SER B 50 22.35 8.24 -7.44
C SER B 50 21.58 9.52 -7.65
N SER B 51 20.26 9.45 -7.49
CA SER B 51 19.41 10.63 -7.64
C SER B 51 18.20 10.49 -6.73
N TRP B 52 17.87 11.55 -6.03
CA TRP B 52 16.74 11.54 -5.12
C TRP B 52 15.39 11.40 -5.83
N SER B 53 14.47 10.70 -5.19
CA SER B 53 13.14 10.53 -5.73
C SER B 53 12.49 11.92 -5.73
N GLN B 54 11.56 12.09 -6.64
CA GLN B 54 10.86 13.36 -6.78
C GLN B 54 9.51 13.28 -6.06
N LEU B 55 8.70 12.31 -6.47
CA LEU B 55 7.37 12.10 -5.90
C LEU B 55 7.41 11.22 -4.64
N GLY B 56 6.91 11.75 -3.53
CA GLY B 56 6.90 11.01 -2.28
C GLY B 56 5.91 9.86 -2.23
N LEU B 57 6.17 8.88 -1.36
CA LEU B 57 5.28 7.73 -1.20
C LEU B 57 4.68 7.73 0.20
N CYS B 58 3.49 7.17 0.32
CA CYS B 58 2.76 7.08 1.58
C CYS B 58 3.14 5.84 2.37
N ALA B 59 3.16 6.01 3.69
CA ALA B 59 3.44 4.93 4.61
C ALA B 59 2.87 5.28 5.98
N LYS B 60 2.78 4.27 6.84
CA LYS B 60 2.23 4.46 8.17
C LYS B 60 3.18 3.80 9.18
N ILE B 61 3.57 4.56 10.19
CA ILE B 61 4.46 4.01 11.21
C ILE B 61 3.90 4.15 12.62
N GLU B 62 4.05 3.08 13.40
CA GLU B 62 3.60 3.04 14.78
C GLU B 62 4.75 3.42 15.71
N PHE B 63 4.60 4.52 16.44
CA PHE B 63 5.63 4.95 17.38
C PHE B 63 5.46 4.20 18.70
N LEU B 64 5.87 2.94 18.69
CA LEU B 64 5.76 2.06 19.85
C LEU B 64 6.74 2.32 21.00
N SER B 65 7.69 3.23 20.82
CA SER B 65 8.64 3.49 21.90
C SER B 65 9.07 4.95 22.08
N LYS B 66 9.54 5.25 23.28
CA LYS B 66 10.00 6.58 23.63
C LYS B 66 11.47 6.48 23.99
N GLU B 67 12.03 5.30 23.75
CA GLU B 67 13.43 4.98 24.02
C GLU B 67 14.36 5.51 22.92
N GLU B 68 15.06 6.60 23.21
CA GLU B 68 15.97 7.20 22.23
C GLU B 68 17.41 6.75 22.43
N MET B 69 17.82 5.74 21.67
CA MET B 69 19.17 5.17 21.74
C MET B 69 20.30 6.00 21.14
N GLY B 70 21.52 5.78 21.63
CA GLY B 70 22.69 6.49 21.11
C GLY B 70 23.23 7.64 21.93
N GLY B 71 24.48 8.04 21.64
CA GLY B 71 25.10 9.14 22.37
C GLY B 71 25.78 10.14 21.45
N GLY B 72 25.87 9.80 20.17
CA GLY B 72 26.50 10.67 19.19
C GLY B 72 25.73 11.92 18.86
N LEU B 73 25.78 12.34 17.60
CA LEU B 73 25.10 13.55 17.14
C LEU B 73 23.63 13.26 16.89
N ARG B 74 23.30 11.98 16.86
CA ARG B 74 21.93 11.57 16.58
C ARG B 74 21.39 10.65 17.66
N ARG B 75 20.08 10.45 17.61
CA ARG B 75 19.39 9.59 18.55
C ARG B 75 18.51 8.68 17.69
N ALA B 76 18.40 7.41 18.08
CA ALA B 76 17.63 6.43 17.34
C ALA B 76 16.42 5.92 18.13
N VAL B 77 15.27 5.89 17.47
CA VAL B 77 14.03 5.42 18.08
C VAL B 77 13.42 4.34 17.22
N LYS B 78 12.96 3.27 17.85
CA LYS B 78 12.34 2.20 17.11
C LYS B 78 10.89 2.56 16.85
N VAL B 79 10.42 2.22 15.65
CA VAL B 79 9.03 2.45 15.26
C VAL B 79 8.58 1.22 14.50
N LEU B 80 7.28 1.08 14.30
CA LEU B 80 6.76 -0.06 13.56
C LEU B 80 6.16 0.43 12.26
N CYS B 81 6.29 -0.38 11.22
CA CYS B 81 5.72 -0.02 9.92
C CYS B 81 4.42 -0.77 9.75
N THR B 82 3.31 -0.05 9.80
CA THR B 82 2.01 -0.69 9.63
C THR B 82 1.95 -1.04 8.14
N TRP B 83 2.05 0.00 7.30
CA TRP B 83 2.04 -0.18 5.85
C TRP B 83 2.83 0.93 5.14
N SER B 84 3.33 0.61 3.95
CA SER B 84 4.07 1.58 3.13
C SER B 84 3.72 1.34 1.66
N GLU B 85 3.33 2.42 0.99
CA GLU B 85 2.95 2.36 -0.42
C GLU B 85 4.03 1.67 -1.25
N HIS B 86 3.64 0.62 -1.95
CA HIS B 86 4.53 -0.16 -2.80
C HIS B 86 5.52 -0.97 -1.98
N ASP B 87 5.28 -1.01 -0.68
CA ASP B 87 6.13 -1.77 0.24
C ASP B 87 7.60 -1.36 0.18
N ILE B 88 7.84 -0.06 0.11
CA ILE B 88 9.20 0.46 0.09
C ILE B 88 9.78 0.09 1.46
N LEU B 89 8.94 0.16 2.48
CA LEU B 89 9.32 -0.21 3.83
C LEU B 89 8.50 -1.47 4.05
N LYS B 90 8.91 -2.32 4.98
CA LYS B 90 8.16 -3.54 5.21
C LYS B 90 7.13 -3.45 6.32
N SER B 91 5.89 -3.76 5.99
CA SER B 91 4.79 -3.73 6.96
C SER B 91 5.00 -4.75 8.06
N GLY B 92 4.58 -4.40 9.27
CA GLY B 92 4.73 -5.31 10.39
C GLY B 92 6.21 -5.60 10.58
N HIS B 93 7.03 -4.56 10.45
CA HIS B 93 8.46 -4.67 10.62
C HIS B 93 8.96 -3.47 11.39
N LEU B 94 9.98 -3.70 12.23
CA LEU B 94 10.55 -2.64 13.03
C LEU B 94 11.61 -1.83 12.29
N TYR B 95 11.52 -0.51 12.40
CA TYR B 95 12.48 0.37 11.78
C TYR B 95 13.04 1.33 12.82
N ILE B 96 14.13 1.99 12.45
CA ILE B 96 14.78 2.94 13.32
C ILE B 96 14.68 4.29 12.64
N ILE B 97 14.29 5.30 13.40
CA ILE B 97 14.19 6.65 12.88
C ILE B 97 15.26 7.46 13.58
N LYS B 98 16.09 8.17 12.80
CA LYS B 98 17.16 8.93 13.41
C LYS B 98 17.05 10.42 13.19
N SER B 99 17.36 11.18 14.22
CA SER B 99 17.30 12.63 14.17
C SER B 99 18.54 13.16 14.86
N PHE B 100 18.93 14.39 14.56
CA PHE B 100 20.10 14.96 15.19
C PHE B 100 19.75 15.75 16.43
N LEU B 101 20.79 16.12 17.18
CA LEU B 101 20.62 16.91 18.39
C LEU B 101 20.56 18.37 18.01
N PRO B 102 19.58 19.12 18.55
CA PRO B 102 19.46 20.55 18.24
C PRO B 102 20.83 21.24 18.16
N GLU B 103 21.72 20.89 19.07
CA GLU B 103 23.07 21.47 19.11
C GLU B 103 23.72 21.28 17.75
N VAL B 104 23.68 20.05 17.25
CA VAL B 104 24.26 19.71 15.96
C VAL B 104 23.67 20.61 14.89
N ILE B 105 22.35 20.77 14.91
CA ILE B 105 21.71 21.63 13.93
C ILE B 105 22.30 23.03 14.09
N ASN B 106 22.13 23.60 15.28
CA ASN B 106 22.65 24.92 15.57
C ASN B 106 24.04 25.09 14.99
N THR B 107 24.84 24.04 15.10
CA THR B 107 26.19 24.05 14.58
C THR B 107 26.20 24.19 13.06
N TRP B 108 25.43 23.35 12.38
CA TRP B 108 25.38 23.38 10.92
C TRP B 108 24.52 24.51 10.34
N SER B 109 23.74 25.16 11.20
CA SER B 109 22.90 26.26 10.75
C SER B 109 23.78 27.32 10.10
N SER B 110 25.04 27.34 10.51
CA SER B 110 26.00 28.30 9.98
C SER B 110 26.61 27.78 8.67
N ILE B 111 25.97 26.76 8.09
CA ILE B 111 26.42 26.18 6.84
C ILE B 111 25.18 25.84 6.01
N TYR B 112 24.12 25.47 6.70
CA TYR B 112 22.86 25.14 6.07
C TYR B 112 21.80 26.04 6.67
N LYS B 113 21.86 27.32 6.33
CA LYS B 113 20.93 28.31 6.84
C LYS B 113 19.47 27.85 6.71
N GLU B 114 19.16 27.13 5.63
CA GLU B 114 17.80 26.66 5.41
C GLU B 114 17.58 25.14 5.46
N ASP B 115 16.53 24.73 6.15
CA ASP B 115 16.18 23.32 6.28
C ASP B 115 17.40 22.49 6.65
N THR B 116 18.08 22.94 7.71
CA THR B 116 19.28 22.27 8.19
C THR B 116 19.08 20.78 8.41
N VAL B 117 18.06 20.43 9.19
CA VAL B 117 17.77 19.03 9.47
C VAL B 117 17.73 18.20 8.19
N LEU B 118 16.81 18.54 7.30
CA LEU B 118 16.66 17.83 6.04
C LEU B 118 18.01 17.69 5.33
N HIS B 119 18.78 18.76 5.26
CA HIS B 119 20.07 18.70 4.59
C HIS B 119 20.99 17.68 5.24
N LEU B 120 21.04 17.68 6.56
CA LEU B 120 21.86 16.73 7.30
C LEU B 120 21.43 15.31 6.97
N CYS B 121 20.12 15.10 6.88
CA CYS B 121 19.59 13.79 6.56
C CYS B 121 20.00 13.39 5.16
N LEU B 122 19.85 14.30 4.21
CA LEU B 122 20.23 14.03 2.83
C LEU B 122 21.69 13.56 2.79
N ARG B 123 22.54 14.22 3.57
CA ARG B 123 23.95 13.89 3.64
C ARG B 123 24.24 12.54 4.27
N GLU B 124 23.53 12.24 5.35
CA GLU B 124 23.70 10.98 6.06
C GLU B 124 23.35 9.83 5.15
N ILE B 125 22.24 9.95 4.45
CA ILE B 125 21.84 8.88 3.55
C ILE B 125 22.81 8.76 2.38
N GLN B 126 23.29 9.88 1.88
CA GLN B 126 24.22 9.83 0.76
C GLN B 126 25.51 9.18 1.24
N GLN B 127 25.92 9.51 2.45
CA GLN B 127 27.12 8.92 3.04
C GLN B 127 27.00 7.40 3.16
N GLN B 128 25.85 6.91 3.63
CA GLN B 128 25.70 5.47 3.75
C GLN B 128 25.67 4.80 2.39
N ARG B 129 25.11 5.48 1.39
CA ARG B 129 25.07 4.93 0.03
C ARG B 129 26.50 4.81 -0.51
N ALA B 130 27.31 5.82 -0.24
CA ALA B 130 28.72 5.79 -0.69
C ALA B 130 29.33 4.50 -0.11
N ALA B 131 29.09 4.27 1.19
CA ALA B 131 29.60 3.08 1.85
C ALA B 131 29.08 1.83 1.16
N GLN B 132 27.79 1.85 0.79
CA GLN B 132 27.18 0.71 0.11
C GLN B 132 27.85 0.42 -1.24
N LYS B 133 28.11 1.47 -2.00
CA LYS B 133 28.74 1.32 -3.30
C LYS B 133 30.14 0.70 -3.20
N LEU B 134 30.89 1.07 -2.17
CA LEU B 134 32.23 0.53 -1.96
C LEU B 134 32.14 -0.94 -1.53
N THR B 135 31.13 -1.24 -0.72
CA THR B 135 30.93 -2.59 -0.24
C THR B 135 30.55 -3.49 -1.42
N PHE B 136 29.81 -2.93 -2.38
CA PHE B 136 29.39 -3.66 -3.57
C PHE B 136 30.59 -4.07 -4.41
N ALA B 137 31.52 -3.12 -4.61
CA ALA B 137 32.72 -3.41 -5.37
C ALA B 137 33.53 -4.43 -4.60
N PHE B 138 33.63 -4.22 -3.29
CA PHE B 138 34.36 -5.11 -2.42
C PHE B 138 33.91 -6.57 -2.54
N ASN B 139 32.61 -6.81 -2.37
CA ASN B 139 32.08 -8.17 -2.45
C ASN B 139 32.16 -8.74 -3.86
N GLN B 140 32.15 -7.85 -4.85
CA GLN B 140 32.22 -8.27 -6.24
C GLN B 140 33.63 -8.66 -6.67
N MET B 141 34.64 -7.99 -6.13
CA MET B 141 36.02 -8.26 -6.50
C MET B 141 36.84 -9.09 -5.51
N LYS B 142 36.40 -9.15 -4.25
CA LYS B 142 37.11 -9.91 -3.24
C LYS B 142 37.27 -11.38 -3.62
N PRO B 143 38.39 -11.99 -3.21
CA PRO B 143 38.67 -13.40 -3.51
C PRO B 143 37.54 -14.32 -3.06
N LYS B 144 37.35 -15.42 -3.79
CA LYS B 144 36.32 -16.40 -3.47
C LYS B 144 36.52 -17.00 -2.07
N SER B 145 37.78 -17.11 -1.67
CA SER B 145 38.13 -17.67 -0.38
C SER B 145 37.52 -16.93 0.82
N ILE B 146 37.20 -15.65 0.63
CA ILE B 146 36.60 -14.85 1.71
C ILE B 146 35.10 -15.17 1.82
N PRO B 147 34.67 -15.72 2.96
CA PRO B 147 33.29 -16.12 3.28
C PRO B 147 32.29 -15.07 3.78
N TYR B 148 32.75 -13.86 4.04
CA TYR B 148 31.83 -12.85 4.54
C TYR B 148 31.72 -11.62 3.65
N SER B 149 30.57 -10.98 3.71
CA SER B 149 30.31 -9.80 2.91
C SER B 149 29.73 -8.67 3.74
N PRO B 150 30.53 -7.60 3.94
CA PRO B 150 30.02 -6.46 4.72
C PRO B 150 28.80 -5.94 3.97
N ARG B 151 27.84 -5.36 4.69
CA ARG B 151 26.64 -4.88 4.05
C ARG B 151 26.10 -3.68 4.79
N PHE B 152 25.87 -2.57 4.10
CA PHE B 152 25.29 -1.42 4.80
C PHE B 152 23.79 -1.40 4.54
N LEU B 153 23.01 -1.10 5.56
CA LEU B 153 21.56 -1.07 5.39
C LEU B 153 21.17 0.05 4.44
N GLU B 154 19.98 -0.04 3.85
CA GLU B 154 19.51 1.03 2.98
C GLU B 154 18.83 2.01 3.90
N VAL B 155 19.03 3.30 3.66
CA VAL B 155 18.39 4.29 4.50
C VAL B 155 17.46 5.11 3.62
N PHE B 156 16.29 5.45 4.14
CA PHE B 156 15.33 6.24 3.37
C PHE B 156 15.10 7.56 4.05
N LEU B 157 14.57 8.52 3.31
CA LEU B 157 14.28 9.83 3.86
C LEU B 157 12.81 9.78 4.19
N LEU B 158 12.47 10.26 5.38
CA LEU B 158 11.10 10.22 5.81
C LEU B 158 10.68 11.56 6.36
N TYR B 159 9.47 11.98 6.03
CA TYR B 159 8.95 13.26 6.53
C TYR B 159 7.70 12.99 7.37
N CYS B 160 7.69 13.52 8.59
CA CYS B 160 6.55 13.34 9.49
C CYS B 160 5.79 14.66 9.65
N HIS B 161 4.54 14.64 9.20
CA HIS B 161 3.66 15.80 9.24
C HIS B 161 3.28 16.13 10.68
N SER B 162 2.94 15.10 11.43
CA SER B 162 2.55 15.21 12.83
C SER B 162 3.67 15.77 13.69
N ALA B 163 4.88 15.28 13.47
CA ALA B 163 6.04 15.74 14.22
C ALA B 163 6.62 16.97 13.52
N GLY B 164 6.14 17.23 12.31
CA GLY B 164 6.62 18.37 11.55
C GLY B 164 8.11 18.38 11.28
N GLN B 165 8.68 17.25 10.86
CA GLN B 165 10.11 17.18 10.59
C GLN B 165 10.58 15.99 9.77
N TRP B 166 11.83 16.08 9.34
CA TRP B 166 12.48 15.05 8.52
C TRP B 166 13.35 14.11 9.33
N PHE B 167 13.36 12.84 8.94
CA PHE B 167 14.20 11.84 9.60
C PHE B 167 14.75 10.90 8.58
N ALA B 168 15.77 10.16 8.98
CA ALA B 168 16.37 9.13 8.15
C ALA B 168 15.80 7.86 8.74
N VAL B 169 15.47 6.89 7.90
CA VAL B 169 14.90 5.66 8.41
C VAL B 169 15.56 4.43 7.80
N GLU B 170 15.70 3.38 8.60
CA GLU B 170 16.32 2.14 8.16
C GLU B 170 15.76 0.98 8.97
N GLU B 171 15.92 -0.24 8.48
CA GLU B 171 15.43 -1.41 9.21
C GLU B 171 16.08 -1.46 10.58
N CYS B 172 15.39 -2.07 11.53
CA CYS B 172 15.93 -2.21 12.87
C CYS B 172 16.52 -3.61 13.00
N MET B 173 17.83 -3.68 13.22
CA MET B 173 18.51 -4.96 13.38
C MET B 173 18.40 -5.41 14.84
N THR B 174 18.15 -6.70 15.05
CA THR B 174 18.07 -7.24 16.41
C THR B 174 19.32 -8.09 16.64
N GLY B 175 20.03 -7.81 17.73
CA GLY B 175 21.23 -8.55 18.02
C GLY B 175 22.21 -7.64 18.72
N GLU B 176 23.42 -8.13 18.96
CA GLU B 176 24.40 -7.30 19.64
C GLU B 176 24.98 -6.26 18.69
N PHE B 177 24.58 -5.01 18.87
CA PHE B 177 25.07 -3.93 18.03
C PHE B 177 26.46 -3.55 18.52
N ARG B 178 27.49 -3.82 17.72
CA ARG B 178 28.85 -3.51 18.11
C ARG B 178 29.67 -2.66 17.11
N LYS B 179 30.84 -2.20 17.54
CA LYS B 179 31.71 -1.37 16.70
C LYS B 179 33.06 -2.06 16.45
N TYR B 180 33.48 -2.14 15.19
CA TYR B 180 34.75 -2.78 14.85
C TYR B 180 35.91 -1.79 14.89
N ASN B 181 35.65 -0.57 14.42
CA ASN B 181 36.64 0.50 14.46
C ASN B 181 35.87 1.78 14.64
N ASN B 182 36.56 2.87 15.00
CA ASN B 182 35.86 4.11 15.24
C ASN B 182 36.39 5.34 14.50
N ASN B 183 35.85 6.49 14.88
CA ASN B 183 36.24 7.75 14.24
C ASN B 183 37.63 8.25 14.62
N ASN B 184 38.26 7.62 15.62
CA ASN B 184 39.61 8.00 16.05
C ASN B 184 40.65 7.26 15.23
N GLY B 185 40.20 6.26 14.49
CA GLY B 185 41.13 5.48 13.70
C GLY B 185 41.52 4.21 14.45
N ASP B 186 40.96 4.02 15.64
CA ASP B 186 41.26 2.82 16.44
C ASP B 186 40.34 1.68 16.01
N GLU B 187 40.81 0.45 16.21
CA GLU B 187 40.05 -0.75 15.86
C GLU B 187 40.14 -1.77 16.99
N ILE B 188 39.34 -2.82 16.91
CA ILE B 188 39.39 -3.87 17.93
C ILE B 188 40.35 -4.90 17.43
N ILE B 189 40.68 -5.88 18.28
CA ILE B 189 41.58 -6.95 17.86
C ILE B 189 40.59 -8.04 17.46
N PRO B 190 40.62 -8.46 16.20
CA PRO B 190 39.69 -9.50 15.75
C PRO B 190 39.74 -10.80 16.53
N THR B 191 38.57 -11.40 16.77
CA THR B 191 38.48 -12.67 17.48
C THR B 191 38.10 -13.74 16.48
N ASN B 192 37.48 -13.33 15.38
CA ASN B 192 37.04 -14.28 14.36
C ASN B 192 37.17 -13.76 12.94
N THR B 193 36.73 -14.59 12.00
CA THR B 193 36.77 -14.27 10.58
C THR B 193 35.94 -13.03 10.20
N LEU B 194 34.72 -12.96 10.72
CA LEU B 194 33.85 -11.83 10.43
C LEU B 194 34.57 -10.52 10.75
N GLU B 195 35.05 -10.43 11.98
CA GLU B 195 35.75 -9.23 12.42
C GLU B 195 36.99 -8.93 11.59
N GLU B 196 37.76 -9.96 11.26
CA GLU B 196 38.96 -9.76 10.45
C GLU B 196 38.58 -9.15 9.12
N ILE B 197 37.42 -9.53 8.60
CA ILE B 197 36.96 -9.04 7.32
C ILE B 197 36.47 -7.59 7.40
N MET B 198 35.78 -7.25 8.48
CA MET B 198 35.29 -5.90 8.66
C MET B 198 36.50 -4.97 8.68
N LEU B 199 37.47 -5.31 9.52
CA LEU B 199 38.69 -4.51 9.66
C LEU B 199 39.44 -4.39 8.35
N ALA B 200 39.54 -5.49 7.60
CA ALA B 200 40.22 -5.45 6.32
C ALA B 200 39.46 -4.58 5.34
N PHE B 201 38.15 -4.52 5.48
CA PHE B 201 37.37 -3.70 4.57
C PHE B 201 37.77 -2.24 4.65
N SER B 202 37.95 -1.74 5.86
CA SER B 202 38.32 -0.34 6.01
C SER B 202 39.65 -0.07 5.30
N HIS B 203 40.59 -0.99 5.50
CA HIS B 203 41.90 -0.87 4.89
C HIS B 203 41.76 -0.88 3.38
N TRP B 204 40.93 -1.81 2.89
CA TRP B 204 40.68 -1.95 1.47
C TRP B 204 40.17 -0.68 0.82
N THR B 205 39.25 0.03 1.49
CA THR B 205 38.69 1.24 0.89
C THR B 205 39.77 2.29 0.67
N TYR B 206 40.68 2.42 1.62
CA TYR B 206 41.76 3.40 1.50
C TYR B 206 42.58 3.06 0.28
N GLU B 207 42.89 1.78 0.14
CA GLU B 207 43.66 1.29 -0.99
C GLU B 207 42.90 1.40 -2.30
N TYR B 208 41.66 0.92 -2.31
CA TYR B 208 40.84 0.93 -3.51
C TYR B 208 40.61 2.32 -4.10
N THR B 209 40.43 3.32 -3.25
CA THR B 209 40.21 4.68 -3.72
C THR B 209 41.53 5.41 -3.87
N ARG B 210 42.59 4.64 -4.02
CA ARG B 210 43.92 5.22 -4.17
C ARG B 210 44.25 6.27 -3.11
N GLY B 211 43.74 6.07 -1.89
CA GLY B 211 44.04 7.01 -0.82
C GLY B 211 43.12 8.20 -0.67
N GLU B 212 42.07 8.28 -1.49
CA GLU B 212 41.16 9.41 -1.41
C GLU B 212 40.09 9.25 -0.33
N LEU B 213 39.62 8.03 -0.15
CA LEU B 213 38.59 7.77 0.85
C LEU B 213 38.93 6.68 1.82
N LEU B 214 38.45 6.82 3.05
CA LEU B 214 38.63 5.82 4.09
C LEU B 214 37.29 5.66 4.79
N VAL B 215 36.84 4.43 4.92
CA VAL B 215 35.58 4.21 5.63
C VAL B 215 35.91 3.73 7.04
N LEU B 216 35.52 4.51 8.04
CA LEU B 216 35.76 4.13 9.43
C LEU B 216 34.43 4.04 10.18
N ASP B 217 34.50 3.72 11.46
CA ASP B 217 33.28 3.60 12.27
C ASP B 217 32.38 2.47 11.78
N LEU B 218 33.02 1.36 11.40
CA LEU B 218 32.28 0.19 10.95
C LEU B 218 31.58 -0.34 12.19
N GLN B 219 30.26 -0.46 12.13
CA GLN B 219 29.47 -0.92 13.26
C GLN B 219 28.11 -1.48 12.85
N GLY B 220 27.58 -2.38 13.67
CA GLY B 220 26.28 -2.96 13.38
C GLY B 220 26.09 -4.30 14.06
N VAL B 221 25.42 -5.21 13.37
CA VAL B 221 25.17 -6.54 13.91
C VAL B 221 25.68 -7.53 12.87
N GLY B 222 26.76 -8.22 13.20
CA GLY B 222 27.32 -9.18 12.27
C GLY B 222 27.82 -8.50 11.02
N GLU B 223 27.39 -9.01 9.86
CA GLU B 223 27.79 -8.48 8.55
C GLU B 223 27.11 -7.16 8.21
N ASN B 224 25.89 -6.98 8.72
CA ASN B 224 25.07 -5.81 8.46
C ASN B 224 25.52 -4.60 9.24
N LEU B 225 25.98 -3.61 8.49
CA LEU B 225 26.50 -2.38 9.09
C LEU B 225 25.64 -1.18 8.81
N THR B 226 25.87 -0.13 9.60
CA THR B 226 25.14 1.12 9.45
C THR B 226 25.90 2.29 10.09
N ASP B 227 25.56 3.50 9.69
CA ASP B 227 26.16 4.73 10.20
C ASP B 227 27.69 4.82 10.10
N PRO B 228 28.23 4.52 8.92
CA PRO B 228 29.69 4.61 8.81
C PRO B 228 30.12 6.04 8.59
N SER B 229 31.43 6.28 8.60
CA SER B 229 31.98 7.61 8.35
C SER B 229 32.88 7.51 7.13
N VAL B 230 32.44 8.09 6.01
CA VAL B 230 33.21 8.06 4.79
C VAL B 230 34.04 9.33 4.84
N ILE B 231 35.34 9.14 4.97
CA ILE B 231 36.26 10.24 5.10
C ILE B 231 37.03 10.57 3.84
N LYS B 232 37.02 11.86 3.52
CA LYS B 232 37.75 12.42 2.39
C LYS B 232 39.12 12.62 3.05
N ALA B 233 39.99 11.64 2.86
CA ALA B 233 41.32 11.61 3.47
C ALA B 233 42.18 12.86 3.35
N GLU B 234 41.99 13.65 2.30
CA GLU B 234 42.83 14.81 2.11
C GLU B 234 42.22 16.18 2.40
N GLU B 235 40.89 16.28 2.38
CA GLU B 235 40.23 17.55 2.64
C GLU B 235 40.73 18.24 3.90
N LYS B 236 40.52 19.56 3.95
CA LYS B 236 40.93 20.36 5.10
C LYS B 236 39.78 21.24 5.58
N ARG B 237 38.76 21.36 4.73
CA ARG B 237 37.60 22.19 5.05
C ARG B 237 36.88 21.75 6.31
N SER B 238 36.65 22.72 7.20
CA SER B 238 35.97 22.52 8.48
C SER B 238 35.07 21.29 8.49
N CYS B 239 33.90 21.43 7.90
CA CYS B 239 32.91 20.36 7.84
C CYS B 239 32.83 19.73 6.44
N ASP B 240 33.98 19.39 5.87
CA ASP B 240 34.00 18.77 4.54
C ASP B 240 34.92 17.55 4.50
N MET B 241 35.28 17.05 5.67
CA MET B 241 36.15 15.88 5.77
C MET B 241 35.37 14.58 5.64
N VAL B 242 34.16 14.58 6.18
CA VAL B 242 33.30 13.40 6.15
C VAL B 242 32.06 13.68 5.30
N PHE B 243 31.65 12.68 4.53
CA PHE B 243 30.49 12.82 3.68
C PHE B 243 29.30 13.23 4.53
N GLY B 244 29.17 12.63 5.70
CA GLY B 244 28.08 12.97 6.59
C GLY B 244 28.60 13.52 7.90
N PRO B 245 27.75 14.15 8.71
CA PRO B 245 28.17 14.72 9.99
C PRO B 245 28.75 13.66 10.94
N ALA B 246 29.99 13.88 11.37
CA ALA B 246 30.67 12.97 12.29
C ALA B 246 31.84 13.73 12.93
N ASN B 247 32.14 13.40 14.18
CA ASN B 247 33.26 14.05 14.87
C ASN B 247 34.48 13.19 14.67
N LEU B 248 35.46 13.69 13.93
CA LEU B 248 36.67 12.93 13.71
C LEU B 248 37.66 13.27 14.81
N GLY B 249 38.46 12.29 15.20
CA GLY B 249 39.45 12.53 16.24
C GLY B 249 40.63 13.30 15.70
N GLU B 250 41.62 13.55 16.55
CA GLU B 250 42.81 14.28 16.15
C GLU B 250 43.59 13.52 15.07
N ASP B 251 43.29 13.85 13.81
CA ASP B 251 43.98 13.22 12.68
C ASP B 251 43.70 11.72 12.62
N ALA B 252 42.43 11.39 12.38
CA ALA B 252 42.01 10.00 12.32
C ALA B 252 42.72 9.16 11.26
N ILE B 253 42.97 9.73 10.08
CA ILE B 253 43.64 8.95 9.03
C ILE B 253 45.04 8.62 9.47
N LYS B 254 45.71 9.58 10.12
CA LYS B 254 47.05 9.35 10.61
C LYS B 254 47.00 8.19 11.59
N ASN B 255 46.09 8.28 12.56
CA ASN B 255 45.95 7.22 13.56
C ASN B 255 45.66 5.88 12.92
N PHE B 256 44.74 5.86 11.97
CA PHE B 256 44.41 4.59 11.35
C PHE B 256 45.58 3.93 10.66
N ARG B 257 46.37 4.69 9.90
CA ARG B 257 47.54 4.14 9.23
C ARG B 257 48.52 3.63 10.29
N ALA B 258 48.59 4.34 11.41
CA ALA B 258 49.49 4.00 12.49
C ALA B 258 49.07 2.81 13.36
N LYS B 259 47.79 2.76 13.72
CA LYS B 259 47.29 1.70 14.59
C LYS B 259 46.72 0.43 13.98
N HIS B 260 46.24 0.49 12.75
CA HIS B 260 45.68 -0.69 12.09
C HIS B 260 46.68 -1.85 11.98
N HIS B 261 46.19 -3.07 12.18
CA HIS B 261 47.02 -4.28 12.09
C HIS B 261 46.43 -5.18 11.03
N CYS B 262 47.20 -5.46 9.98
CA CYS B 262 46.69 -6.31 8.92
C CYS B 262 46.51 -7.74 9.37
N ASN B 263 45.50 -8.40 8.81
CA ASN B 263 45.19 -9.76 9.17
C ASN B 263 45.16 -10.69 7.96
N SER B 264 44.81 -11.94 8.20
CA SER B 264 44.75 -12.94 7.14
C SER B 264 43.92 -12.44 5.98
N CYS B 265 42.92 -11.60 6.27
CA CYS B 265 42.08 -11.09 5.20
C CYS B 265 42.84 -10.04 4.38
N CYS B 266 43.52 -9.12 5.06
CA CYS B 266 44.29 -8.10 4.36
C CYS B 266 45.23 -8.77 3.36
N ARG B 267 45.86 -9.86 3.80
CA ARG B 267 46.78 -10.60 2.96
C ARG B 267 46.02 -11.32 1.85
N LYS B 268 44.85 -11.87 2.20
CA LYS B 268 44.04 -12.53 1.20
C LYS B 268 43.68 -11.53 0.10
N LEU B 269 43.56 -10.26 0.47
CA LEU B 269 43.22 -9.20 -0.46
C LEU B 269 44.47 -8.57 -1.07
N LYS B 270 45.65 -9.04 -0.67
CA LYS B 270 46.93 -8.54 -1.18
C LYS B 270 47.16 -7.06 -0.87
N LEU B 271 46.56 -6.57 0.19
CA LEU B 271 46.73 -5.16 0.55
C LEU B 271 48.12 -4.88 1.09
N PRO B 272 48.66 -3.68 0.79
CA PRO B 272 49.99 -3.35 1.29
C PRO B 272 49.88 -2.65 2.64
N ASP B 273 50.96 -2.66 3.41
CA ASP B 273 50.99 -2.05 4.73
C ASP B 273 50.73 -0.55 4.67
N LEU B 274 49.97 -0.04 5.62
CA LEU B 274 49.65 1.37 5.65
C LEU B 274 50.79 2.24 6.16
N LYS B 275 51.66 1.65 6.96
CA LYS B 275 52.80 2.37 7.52
C LYS B 275 53.86 2.69 6.48
N ARG B 276 53.79 2.03 5.33
CA ARG B 276 54.75 2.28 4.25
C ARG B 276 54.73 3.76 3.91
N ASN B 277 55.59 4.16 2.97
CA ASN B 277 55.65 5.57 2.56
C ASN B 277 54.67 5.85 1.43
N ASP B 278 54.08 7.04 1.43
CA ASP B 278 53.11 7.42 0.39
C ASP B 278 53.78 7.56 -0.99
N TYR B 279 54.95 8.17 -0.98
CA TYR B 279 55.70 8.44 -2.20
C TYR B 279 56.79 7.43 -2.56
N THR B 280 57.47 6.92 -1.53
CA THR B 280 58.54 5.95 -1.75
C THR B 280 58.01 4.52 -1.63
#